data_2X0O
#
_entry.id   2X0O
#
_cell.length_a   93.667
_cell.length_b   128.910
_cell.length_c   48.261
_cell.angle_alpha   90.00
_cell.angle_beta   90.00
_cell.angle_gamma   90.00
#
_symmetry.space_group_name_H-M   'P 21 21 2'
#
loop_
_entity.id
_entity.type
_entity.pdbx_description
1 polymer 'ALCALIGIN BIOSYNTHESIS PROTEIN'
2 non-polymer 'SULFATE ION'
3 water water
#
_entity_poly.entity_id   1
_entity_poly.type   'polypeptide(L)'
_entity_poly.pdbx_seq_one_letter_code
;MSRTTPPHPAEIVAHLQPEIWNKVNRLLVRKAISEYAHEWLLEPQRLGPGETPGFERFRLTLADGAQYDFDAQVMAMRHW
RIPPESIVKTVAGVPAPLDALQFVIEIRDKLGLPVDRLPIYMDEITSTLHGSAYKHGRTTLGAAALARADYQTIETSMIE
GHPSFVANNGRLGFDAEDYHGYAPEAATPVRLMWLAVHKDNAHFSCLSDMDYDSLMSEELGESAVTDFAARLREQGLHPA
DYYFMPAHPWQWFNKLSLAFAPYVAQRKIVCLGYGEEQYLAQQSIRTFFNISRPGKRYVKTSLSILNMGFMRGLSPYYMA
GTPAINEYIHDLISADPWLRANGFRILREVASMGFRNYYYEAAIDTDTPYKKMFSALWRENPLTLIAPGQNLMTMAALLH
VDPQGRALLPELIQASGLDAGTWLERYVDAYLTPLIHCFYAHDLVFMPHGENVILVIQDGVPVRAFMKDIAEESSILNPQ
VRLPQAAQRLAADVPEAYKLLTIFVDVFEGYFRHLTQILVETELMPEHDFWRLVAGRIAAYQQAHPQRLDKYRRYDLFAP
DMIHSCLNRLQLANNLQMVNLADPIGSFQMAPNLPNPIACFRPSWLGSGEALQTLTAA
;
_entity_poly.pdbx_strand_id   A
#
# COMPACT_ATOMS: atom_id res chain seq x y z
N PRO A 7 -4.85 19.06 25.39
CA PRO A 7 -4.04 20.10 26.02
C PRO A 7 -4.17 21.40 25.23
N HIS A 8 -3.09 22.17 25.18
CA HIS A 8 -3.09 23.40 24.42
C HIS A 8 -3.32 23.10 22.95
N PRO A 9 -4.28 23.81 22.34
CA PRO A 9 -4.72 23.58 20.96
C PRO A 9 -3.60 23.76 19.92
N ALA A 10 -2.50 24.40 20.32
CA ALA A 10 -1.41 24.66 19.39
C ALA A 10 -0.53 23.43 19.18
N GLU A 11 -0.55 22.51 20.16
CA GLU A 11 0.35 21.36 20.15
C GLU A 11 0.12 20.39 18.98
N ILE A 12 -1.11 20.29 18.50
CA ILE A 12 -1.41 19.37 17.40
C ILE A 12 -0.72 19.78 16.10
N VAL A 13 -0.19 21.00 16.06
CA VAL A 13 0.58 21.47 14.91
C VAL A 13 2.02 21.78 15.31
N ALA A 14 2.37 21.41 16.54
CA ALA A 14 3.71 21.68 17.06
C ALA A 14 4.79 21.20 16.11
N HIS A 15 4.47 20.18 15.31
CA HIS A 15 5.43 19.59 14.40
C HIS A 15 5.65 20.43 13.15
N LEU A 16 4.83 21.47 12.99
CA LEU A 16 4.95 22.37 11.85
C LEU A 16 5.91 23.52 12.16
N GLN A 17 7.20 23.28 11.97
CA GLN A 17 8.21 24.33 12.13
C GLN A 17 8.74 24.76 10.77
N PRO A 18 9.29 25.98 10.68
CA PRO A 18 9.77 26.52 9.40
C PRO A 18 10.88 25.66 8.78
N GLU A 19 11.89 25.31 9.57
CA GLU A 19 13.05 24.59 9.06
C GLU A 19 12.71 23.20 8.55
N ILE A 20 11.89 22.46 9.31
CA ILE A 20 11.49 21.12 8.92
C ILE A 20 10.51 21.18 7.76
N TRP A 21 9.68 22.21 7.74
CA TRP A 21 8.72 22.42 6.66
C TRP A 21 9.48 22.58 5.34
N ASN A 22 10.49 23.43 5.36
CA ASN A 22 11.34 23.66 4.19
C ASN A 22 12.01 22.38 3.71
N LYS A 23 12.36 21.51 4.65
CA LYS A 23 13.02 20.25 4.34
C LYS A 23 12.11 19.31 3.56
N VAL A 24 10.93 19.05 4.12
CA VAL A 24 9.98 18.12 3.50
C VAL A 24 9.41 18.67 2.20
N ASN A 25 9.37 19.99 2.07
CA ASN A 25 8.93 20.61 0.83
C ASN A 25 9.93 20.39 -0.29
N ARG A 26 11.21 20.54 0.02
CA ARG A 26 12.27 20.30 -0.95
C ARG A 26 12.22 18.85 -1.41
N LEU A 27 11.99 17.94 -0.46
CA LEU A 27 11.88 16.53 -0.77
C LEU A 27 10.69 16.23 -1.67
N LEU A 28 9.57 16.92 -1.45
CA LEU A 28 8.37 16.65 -2.23
C LEU A 28 8.43 17.27 -3.62
N VAL A 29 9.07 18.43 -3.74
CA VAL A 29 9.29 19.03 -5.05
C VAL A 29 10.13 18.09 -5.91
N ARG A 30 11.11 17.46 -5.28
CA ARG A 30 11.98 16.52 -5.98
C ARG A 30 11.15 15.36 -6.52
N LYS A 31 10.28 14.81 -5.70
CA LYS A 31 9.43 13.70 -6.13
C LYS A 31 8.41 14.16 -7.17
N ALA A 32 7.88 15.36 -6.98
CA ALA A 32 6.92 15.93 -7.91
C ALA A 32 7.55 16.08 -9.29
N ILE A 33 8.77 16.61 -9.34
CA ILE A 33 9.48 16.79 -10.60
C ILE A 33 9.82 15.44 -11.24
N SER A 34 10.38 14.54 -10.43
CA SER A 34 10.78 13.22 -10.91
C SER A 34 9.60 12.42 -11.45
N GLU A 35 8.50 12.39 -10.71
CA GLU A 35 7.34 11.60 -11.09
C GLU A 35 6.53 12.20 -12.23
N TYR A 36 6.32 13.52 -12.20
CA TYR A 36 5.56 14.17 -13.27
C TYR A 36 6.32 14.08 -14.58
N ALA A 37 7.64 14.25 -14.51
CA ALA A 37 8.49 14.16 -15.69
C ALA A 37 8.48 12.74 -16.23
N HIS A 38 8.49 11.78 -15.31
CA HIS A 38 8.42 10.37 -15.65
C HIS A 38 7.14 10.08 -16.43
N GLU A 39 6.08 10.78 -16.09
CA GLU A 39 4.78 10.55 -16.71
C GLU A 39 4.50 11.52 -17.86
N TRP A 40 5.54 12.20 -18.33
CA TRP A 40 5.43 13.09 -19.48
C TRP A 40 4.67 14.39 -19.19
N LEU A 41 4.29 14.60 -17.94
CA LEU A 41 3.64 15.85 -17.54
C LEU A 41 4.61 17.00 -17.70
N LEU A 42 5.87 16.73 -17.36
CA LEU A 42 6.95 17.71 -17.49
C LEU A 42 8.00 17.18 -18.45
N GLU A 43 8.51 18.05 -19.31
CA GLU A 43 9.58 17.67 -20.23
C GLU A 43 10.78 18.58 -20.02
N PRO A 44 11.62 18.26 -19.02
CA PRO A 44 12.79 19.07 -18.68
C PRO A 44 13.71 19.25 -19.88
N GLN A 45 14.23 20.46 -20.05
CA GLN A 45 15.19 20.72 -21.12
C GLN A 45 16.60 20.72 -20.56
N ARG A 46 17.51 20.01 -21.21
CA ARG A 46 18.89 19.93 -20.73
C ARG A 46 19.63 21.24 -20.94
N LEU A 47 20.35 21.68 -19.92
CA LEU A 47 21.10 22.92 -19.98
C LEU A 47 22.59 22.65 -20.21
N GLY A 48 23.12 21.68 -19.45
CA GLY A 48 24.53 21.33 -19.52
C GLY A 48 24.91 20.36 -18.41
N PRO A 49 26.18 20.36 -18.02
CA PRO A 49 26.69 19.42 -17.00
C PRO A 49 26.08 19.71 -15.63
N GLY A 50 25.83 18.66 -14.86
CA GLY A 50 25.35 18.83 -13.50
C GLY A 50 26.46 19.32 -12.60
N GLU A 51 26.12 19.62 -11.34
CA GLU A 51 27.12 20.03 -10.37
C GLU A 51 27.91 18.81 -9.93
N THR A 52 27.40 17.64 -10.29
CA THR A 52 28.06 16.38 -10.01
C THR A 52 28.20 15.59 -11.31
N PRO A 53 29.43 15.19 -11.66
CA PRO A 53 29.79 14.56 -12.93
C PRO A 53 28.76 13.59 -13.48
N GLY A 54 28.22 12.72 -12.63
CA GLY A 54 27.26 11.72 -13.05
C GLY A 54 26.00 12.28 -13.66
N PHE A 55 25.75 13.57 -13.45
CA PHE A 55 24.47 14.18 -13.78
C PHE A 55 24.53 15.23 -14.89
N GLU A 56 23.36 15.54 -15.43
CA GLU A 56 23.18 16.66 -16.32
C GLU A 56 22.29 17.70 -15.63
N ARG A 57 22.50 18.97 -15.98
CA ARG A 57 21.66 20.04 -15.46
C ARG A 57 20.42 20.16 -16.35
N PHE A 58 19.25 20.22 -15.72
CA PHE A 58 18.01 20.38 -16.46
C PHE A 58 17.26 21.62 -16.02
N ARG A 59 16.30 22.06 -16.83
CA ARG A 59 15.50 23.23 -16.49
C ARG A 59 14.03 23.07 -16.82
N LEU A 60 13.18 23.47 -15.89
CA LEU A 60 11.76 23.60 -16.13
C LEU A 60 11.41 25.08 -16.12
N THR A 61 10.84 25.56 -17.22
CA THR A 61 10.41 26.95 -17.30
C THR A 61 8.89 26.97 -17.23
N LEU A 62 8.35 27.48 -16.12
CA LEU A 62 6.95 27.24 -15.78
C LEU A 62 6.05 28.47 -15.83
N ALA A 63 5.03 28.44 -14.98
CA ALA A 63 4.08 29.54 -14.87
C ALA A 63 4.49 30.50 -13.77
N ASP A 64 3.91 31.69 -13.77
CA ASP A 64 4.20 32.70 -12.77
C ASP A 64 5.66 33.12 -12.86
N GLY A 65 6.27 32.84 -14.00
CA GLY A 65 7.65 33.23 -14.25
C GLY A 65 8.61 32.35 -13.48
N ALA A 66 8.12 31.23 -12.99
CA ALA A 66 8.93 30.34 -12.17
C ALA A 66 9.85 29.44 -13.00
N GLN A 67 11.08 29.27 -12.53
CA GLN A 67 12.07 28.43 -13.19
C GLN A 67 12.76 27.50 -12.20
N TYR A 68 12.84 26.23 -12.56
CA TYR A 68 13.52 25.23 -11.74
C TYR A 68 14.66 24.59 -12.49
N ASP A 69 15.87 24.71 -11.95
CA ASP A 69 17.01 23.99 -12.47
C ASP A 69 17.35 22.87 -11.50
N PHE A 70 17.74 21.71 -12.02
CA PHE A 70 18.09 20.58 -11.18
C PHE A 70 19.05 19.64 -11.88
N ASP A 71 19.78 18.85 -11.09
CA ASP A 71 20.61 17.80 -11.63
C ASP A 71 19.77 16.54 -11.81
N ALA A 72 20.12 15.73 -12.80
CA ALA A 72 19.37 14.51 -13.05
C ALA A 72 20.14 13.50 -13.87
N GLN A 73 19.95 12.23 -13.53
CA GLN A 73 20.44 11.12 -14.31
C GLN A 73 19.24 10.31 -14.74
N VAL A 74 18.91 10.34 -16.02
CA VAL A 74 17.75 9.61 -16.52
C VAL A 74 18.07 8.13 -16.62
N MET A 75 17.45 7.34 -15.74
CA MET A 75 17.69 5.91 -15.68
C MET A 75 16.64 5.16 -16.50
N ALA A 76 16.70 3.82 -16.48
CA ALA A 76 15.77 2.99 -17.24
C ALA A 76 14.31 3.34 -16.95
N MET A 77 13.44 3.06 -17.91
CA MET A 77 12.02 3.34 -17.77
C MET A 77 11.76 4.84 -17.59
N ARG A 78 12.53 5.65 -18.31
CA ARG A 78 12.36 7.10 -18.26
C ARG A 78 12.30 7.58 -16.81
N HIS A 79 13.26 7.15 -16.00
CA HIS A 79 13.26 7.54 -14.60
C HIS A 79 14.22 8.70 -14.33
N TRP A 80 13.69 9.75 -13.70
CA TRP A 80 14.48 10.93 -13.40
C TRP A 80 15.05 10.90 -11.99
N ARG A 81 16.32 10.52 -11.87
CA ARG A 81 17.01 10.54 -10.59
C ARG A 81 17.55 11.94 -10.30
N ILE A 82 16.94 12.61 -9.33
CA ILE A 82 17.32 13.97 -9.00
C ILE A 82 17.83 14.07 -7.58
N PRO A 83 19.07 14.58 -7.41
CA PRO A 83 19.55 14.95 -6.08
C PRO A 83 18.77 16.14 -5.56
N PRO A 84 18.06 15.97 -4.44
CA PRO A 84 17.18 17.01 -3.88
C PRO A 84 17.89 18.35 -3.69
N GLU A 85 19.12 18.33 -3.21
CA GLU A 85 19.86 19.55 -2.91
C GLU A 85 20.29 20.31 -4.15
N SER A 86 20.13 19.69 -5.32
CA SER A 86 20.55 20.30 -6.58
C SER A 86 19.46 21.17 -7.19
N ILE A 87 18.26 21.08 -6.65
CA ILE A 87 17.12 21.82 -7.18
C ILE A 87 17.17 23.30 -6.79
N VAL A 88 17.24 24.17 -7.80
CA VAL A 88 17.28 25.60 -7.57
C VAL A 88 16.11 26.30 -8.24
N LYS A 89 15.30 27.00 -7.45
CA LYS A 89 14.16 27.73 -8.00
C LYS A 89 14.43 29.23 -8.04
N THR A 90 14.05 29.85 -9.14
CA THR A 90 14.07 31.31 -9.26
C THR A 90 12.80 31.78 -9.94
N VAL A 91 12.34 32.96 -9.56
CA VAL A 91 11.21 33.60 -10.23
C VAL A 91 11.69 34.91 -10.86
N ALA A 92 11.68 34.95 -12.19
CA ALA A 92 12.18 36.11 -12.91
C ALA A 92 13.59 36.50 -12.46
N GLY A 93 14.43 35.50 -12.23
CA GLY A 93 15.82 35.74 -11.86
C GLY A 93 16.10 35.82 -10.36
N VAL A 94 15.04 35.84 -9.55
CA VAL A 94 15.21 35.98 -8.11
C VAL A 94 15.04 34.65 -7.38
N PRO A 95 16.08 34.23 -6.65
CA PRO A 95 16.07 32.99 -5.86
C PRO A 95 14.82 32.85 -5.00
N ALA A 96 14.22 31.67 -5.00
CA ALA A 96 13.01 31.40 -4.24
C ALA A 96 13.09 30.06 -3.53
N PRO A 97 12.45 29.96 -2.36
CA PRO A 97 12.46 28.72 -1.57
C PRO A 97 11.61 27.64 -2.24
N LEU A 98 12.01 26.38 -2.09
CA LEU A 98 11.23 25.28 -2.64
C LEU A 98 9.93 25.12 -1.87
N ASP A 99 8.82 25.22 -2.59
CA ASP A 99 7.49 25.15 -1.99
C ASP A 99 6.62 24.23 -2.85
N ALA A 100 6.47 22.99 -2.41
CA ALA A 100 5.77 21.97 -3.18
C ALA A 100 4.36 22.38 -3.57
N LEU A 101 3.66 23.04 -2.66
CA LEU A 101 2.30 23.48 -2.95
C LEU A 101 2.31 24.52 -4.06
N GLN A 102 3.24 25.47 -3.97
CA GLN A 102 3.38 26.51 -4.97
C GLN A 102 3.81 25.91 -6.30
N PHE A 103 4.55 24.81 -6.23
CA PHE A 103 5.02 24.12 -7.42
C PHE A 103 3.84 23.53 -8.19
N VAL A 104 2.90 22.94 -7.45
CA VAL A 104 1.70 22.37 -8.06
C VAL A 104 0.87 23.47 -8.72
N ILE A 105 0.80 24.62 -8.08
CA ILE A 105 0.09 25.77 -8.61
C ILE A 105 0.71 26.22 -9.93
N GLU A 106 2.03 26.24 -9.98
CA GLU A 106 2.74 26.73 -11.16
C GLU A 106 2.57 25.81 -12.37
N ILE A 107 2.20 24.55 -12.12
CA ILE A 107 1.99 23.60 -13.20
C ILE A 107 0.54 23.14 -13.27
N ARG A 108 -0.34 23.93 -12.65
CA ARG A 108 -1.77 23.59 -12.62
C ARG A 108 -2.32 23.42 -14.03
N ASP A 109 -1.75 24.16 -14.98
CA ASP A 109 -2.19 24.11 -16.37
C ASP A 109 -1.81 22.79 -17.03
N LYS A 110 -0.69 22.21 -16.58
CA LYS A 110 -0.20 20.95 -17.15
C LYS A 110 -0.85 19.76 -16.46
N LEU A 111 -1.22 19.93 -15.19
CA LEU A 111 -1.86 18.87 -14.42
C LEU A 111 -3.15 18.42 -15.09
N GLY A 112 -3.89 19.37 -15.63
CA GLY A 112 -5.14 19.08 -16.32
C GLY A 112 -6.32 18.97 -15.38
N LEU A 113 -6.08 19.28 -14.11
CA LEU A 113 -7.14 19.24 -13.11
C LEU A 113 -8.24 20.23 -13.45
N PRO A 114 -9.50 19.82 -13.23
CA PRO A 114 -10.63 20.74 -13.33
C PRO A 114 -10.57 21.71 -12.14
N VAL A 115 -10.88 22.98 -12.36
CA VAL A 115 -10.63 24.02 -11.37
C VAL A 115 -11.50 23.93 -10.11
N ASP A 116 -12.10 22.76 -9.86
CA ASP A 116 -12.87 22.55 -8.65
C ASP A 116 -12.33 21.34 -7.89
N ARG A 117 -11.47 20.58 -8.56
CA ARG A 117 -10.79 19.46 -7.94
C ARG A 117 -9.38 19.91 -7.56
N LEU A 118 -8.90 20.94 -8.25
CA LEU A 118 -7.57 21.51 -8.02
C LEU A 118 -7.32 21.80 -6.54
N PRO A 119 -8.24 22.54 -5.89
CA PRO A 119 -8.02 22.88 -4.49
C PRO A 119 -7.96 21.63 -3.62
N ILE A 120 -8.70 20.60 -4.01
CA ILE A 120 -8.72 19.34 -3.27
C ILE A 120 -7.36 18.68 -3.37
N TYR A 121 -6.83 18.65 -4.60
CA TYR A 121 -5.50 18.07 -4.84
C TYR A 121 -4.44 18.88 -4.11
N MET A 122 -4.66 20.20 -4.03
CA MET A 122 -3.77 21.08 -3.27
C MET A 122 -3.77 20.69 -1.79
N ASP A 123 -4.96 20.38 -1.28
CA ASP A 123 -5.09 19.96 0.12
C ASP A 123 -4.48 18.58 0.34
N GLU A 124 -4.51 17.73 -0.68
CA GLU A 124 -3.88 16.42 -0.57
C GLU A 124 -2.37 16.57 -0.50
N ILE A 125 -1.84 17.52 -1.26
CA ILE A 125 -0.41 17.81 -1.24
C ILE A 125 -0.02 18.37 0.12
N THR A 126 -0.79 19.34 0.59
CA THR A 126 -0.55 19.98 1.88
C THR A 126 -0.58 18.97 3.02
N SER A 127 -1.58 18.10 3.03
CA SER A 127 -1.70 17.10 4.08
C SER A 127 -0.54 16.10 4.00
N THR A 128 -0.08 15.84 2.78
CA THR A 128 1.08 14.97 2.57
C THR A 128 2.32 15.59 3.20
N LEU A 129 2.46 16.90 3.03
CA LEU A 129 3.56 17.65 3.61
C LEU A 129 3.43 17.72 5.13
N HIS A 130 2.21 18.00 5.58
CA HIS A 130 1.89 18.00 7.00
C HIS A 130 2.34 16.69 7.64
N GLY A 131 2.02 15.59 6.96
CA GLY A 131 2.40 14.26 7.42
C GLY A 131 3.90 14.03 7.37
N SER A 132 4.53 14.50 6.30
CA SER A 132 5.98 14.41 6.17
C SER A 132 6.68 15.11 7.32
N ALA A 133 6.27 16.35 7.57
CA ALA A 133 6.85 17.16 8.65
C ALA A 133 6.84 16.40 9.98
N TYR A 134 5.73 15.74 10.28
CA TYR A 134 5.60 14.97 11.52
C TYR A 134 6.58 13.80 11.55
N LYS A 135 6.67 13.07 10.43
CA LYS A 135 7.53 11.90 10.35
C LYS A 135 9.01 12.25 10.50
N HIS A 136 9.42 13.37 9.91
CA HIS A 136 10.82 13.76 9.91
C HIS A 136 11.24 14.39 11.24
N GLY A 137 10.27 14.93 11.97
CA GLY A 137 10.54 15.58 13.24
C GLY A 137 10.36 14.66 14.45
N ARG A 138 9.69 13.54 14.24
CA ARG A 138 9.43 12.59 15.32
C ARG A 138 10.69 11.81 15.68
N THR A 139 10.86 11.50 16.96
CA THR A 139 11.98 10.69 17.41
C THR A 139 11.81 9.27 16.90
N THR A 140 12.73 8.84 16.05
CA THR A 140 12.60 7.57 15.37
C THR A 140 13.94 6.87 15.20
N LEU A 141 13.89 5.56 14.93
CA LEU A 141 15.10 4.78 14.70
C LEU A 141 15.76 5.17 13.38
N GLY A 142 17.09 5.18 13.37
CA GLY A 142 17.82 5.44 12.14
C GLY A 142 17.89 4.19 11.29
N ALA A 143 18.33 4.35 10.05
CA ALA A 143 18.40 3.23 9.10
C ALA A 143 19.05 2.00 9.70
N ALA A 144 20.22 2.18 10.31
CA ALA A 144 20.98 1.06 10.85
C ALA A 144 20.23 0.30 11.94
N ALA A 145 19.63 1.02 12.88
CA ALA A 145 18.89 0.39 13.96
C ALA A 145 17.55 -0.15 13.47
N LEU A 146 16.98 0.52 12.48
CA LEU A 146 15.68 0.14 11.93
C LEU A 146 15.77 -1.18 11.17
N ALA A 147 16.86 -1.36 10.44
CA ALA A 147 17.08 -2.57 9.66
C ALA A 147 17.09 -3.82 10.55
N ARG A 148 17.33 -3.60 11.83
CA ARG A 148 17.46 -4.71 12.78
C ARG A 148 16.30 -4.74 13.77
N ALA A 149 15.28 -3.94 13.52
CA ALA A 149 14.13 -3.82 14.42
C ALA A 149 13.04 -4.84 14.13
N ASP A 150 12.06 -4.93 15.03
CA ASP A 150 10.98 -5.90 14.88
C ASP A 150 9.94 -5.45 13.85
N TYR A 151 9.01 -6.35 13.55
CA TYR A 151 7.98 -6.14 12.55
C TYR A 151 7.19 -4.83 12.71
N GLN A 152 6.58 -4.63 13.88
CA GLN A 152 5.72 -3.47 14.09
C GLN A 152 6.48 -2.14 14.22
N THR A 153 7.72 -2.19 14.69
CA THR A 153 8.54 -0.98 14.76
C THR A 153 8.88 -0.49 13.36
N ILE A 154 9.22 -1.42 12.48
CA ILE A 154 9.50 -1.09 11.08
C ILE A 154 8.25 -0.56 10.38
N GLU A 155 7.12 -1.19 10.66
CA GLU A 155 5.85 -0.82 10.05
C GLU A 155 5.47 0.62 10.35
N THR A 156 5.64 1.03 11.60
CA THR A 156 5.25 2.37 12.04
C THR A 156 6.32 3.42 11.76
N SER A 157 7.53 2.96 11.46
CA SER A 157 8.64 3.85 11.22
C SER A 157 8.78 4.20 9.74
N MET A 158 7.92 3.61 8.91
CA MET A 158 7.92 3.92 7.48
C MET A 158 7.53 5.39 7.26
N ILE A 159 8.04 5.98 6.19
CA ILE A 159 7.94 7.43 5.99
C ILE A 159 7.40 7.84 4.62
N GLU A 160 7.95 7.23 3.57
CA GLU A 160 7.64 7.65 2.20
C GLU A 160 6.19 7.42 1.79
N GLY A 161 5.66 6.24 2.12
CA GLY A 161 4.36 5.83 1.60
C GLY A 161 4.54 5.29 0.20
N HIS A 162 3.48 5.28 -0.60
CA HIS A 162 3.61 4.86 -1.99
C HIS A 162 4.67 5.70 -2.68
N PRO A 163 5.64 5.04 -3.32
CA PRO A 163 6.83 5.72 -3.86
C PRO A 163 6.59 6.44 -5.18
N SER A 164 5.41 6.28 -5.77
CA SER A 164 5.15 6.91 -7.06
C SER A 164 4.22 8.11 -6.95
N PHE A 165 3.13 7.93 -6.21
CA PHE A 165 2.15 9.00 -6.02
C PHE A 165 2.77 10.18 -5.28
N VAL A 166 2.64 11.37 -5.86
CA VAL A 166 3.14 12.58 -5.22
C VAL A 166 2.28 12.95 -4.04
N ALA A 167 0.96 13.00 -4.25
CA ALA A 167 0.02 13.25 -3.16
C ALA A 167 -0.43 11.92 -2.58
N ASN A 168 0.45 11.27 -1.82
CA ASN A 168 0.22 9.90 -1.40
C ASN A 168 -0.26 9.73 0.05
N ASN A 169 -0.15 10.77 0.86
CA ASN A 169 -0.54 10.68 2.26
C ASN A 169 -1.50 11.77 2.71
N GLY A 170 -2.63 11.88 2.03
CA GLY A 170 -3.58 12.95 2.30
C GLY A 170 -4.35 12.77 3.60
N ARG A 171 -4.85 11.56 3.83
CA ARG A 171 -5.65 11.28 5.01
C ARG A 171 -6.67 12.38 5.27
N LEU A 172 -7.25 12.92 4.20
CA LEU A 172 -8.28 13.94 4.35
C LEU A 172 -9.54 13.35 4.98
N GLY A 173 -10.01 14.01 6.04
CA GLY A 173 -11.11 13.51 6.83
C GLY A 173 -10.72 13.58 8.29
N PHE A 174 -9.49 13.17 8.57
CA PHE A 174 -8.92 13.32 9.90
C PHE A 174 -8.75 14.78 10.21
N ASP A 175 -9.19 15.21 11.40
CA ASP A 175 -8.85 16.54 11.86
C ASP A 175 -7.52 16.47 12.61
N ALA A 176 -7.00 17.62 13.04
CA ALA A 176 -5.68 17.69 13.64
C ALA A 176 -5.51 16.75 14.84
N GLU A 177 -6.63 16.43 15.49
CA GLU A 177 -6.61 15.53 16.63
C GLU A 177 -6.74 14.08 16.20
N ASP A 178 -7.57 13.85 15.18
CA ASP A 178 -7.71 12.52 14.59
C ASP A 178 -6.34 12.01 14.16
N TYR A 179 -5.56 12.90 13.55
CA TYR A 179 -4.25 12.54 13.03
C TYR A 179 -3.36 11.91 14.10
N HIS A 180 -3.24 12.58 15.25
CA HIS A 180 -2.36 12.11 16.31
C HIS A 180 -2.84 10.83 16.96
N GLY A 181 -4.13 10.53 16.80
CA GLY A 181 -4.70 9.34 17.39
C GLY A 181 -4.76 8.16 16.44
N TYR A 182 -4.88 8.44 15.14
CA TYR A 182 -5.16 7.39 14.17
C TYR A 182 -4.12 7.21 13.08
N ALA A 183 -3.29 8.23 12.85
CA ALA A 183 -2.23 8.12 11.85
C ALA A 183 -1.27 7.00 12.21
N PRO A 184 -0.89 6.18 11.22
CA PRO A 184 0.03 5.07 11.44
C PRO A 184 1.36 5.56 12.00
N GLU A 185 1.82 6.72 11.54
CA GLU A 185 3.12 7.24 11.93
C GLU A 185 3.16 7.71 13.37
N ALA A 186 1.98 7.92 13.97
CA ALA A 186 1.90 8.38 15.35
C ALA A 186 2.07 7.22 16.33
N ALA A 187 1.86 6.00 15.83
CA ALA A 187 2.00 4.80 16.63
C ALA A 187 1.25 4.91 17.96
N THR A 188 0.00 5.36 17.90
CA THR A 188 -0.83 5.46 19.09
C THR A 188 -1.75 4.26 19.17
N PRO A 189 -1.58 3.43 20.21
CA PRO A 189 -2.47 2.28 20.38
C PRO A 189 -3.93 2.67 20.23
N VAL A 190 -4.65 1.96 19.37
CA VAL A 190 -6.07 2.19 19.14
C VAL A 190 -6.84 0.98 19.63
N ARG A 191 -8.05 1.19 20.12
CA ARG A 191 -8.92 0.07 20.44
C ARG A 191 -10.22 0.18 19.62
N LEU A 192 -10.68 -0.97 19.13
CA LEU A 192 -11.82 -1.01 18.23
C LEU A 192 -13.11 -0.52 18.87
N MET A 193 -14.02 -0.02 18.04
CA MET A 193 -15.39 0.21 18.46
C MET A 193 -16.16 -1.06 18.14
N TRP A 194 -16.92 -1.56 19.10
CA TRP A 194 -17.70 -2.76 18.87
C TRP A 194 -19.19 -2.44 18.81
N LEU A 195 -19.82 -2.89 17.73
CA LEU A 195 -21.22 -2.57 17.48
C LEU A 195 -22.03 -3.85 17.27
N ALA A 196 -23.26 -3.82 17.75
CA ALA A 196 -24.21 -4.89 17.47
C ALA A 196 -24.95 -4.53 16.19
N VAL A 197 -24.85 -5.39 15.18
CA VAL A 197 -25.48 -5.12 13.89
C VAL A 197 -26.60 -6.11 13.60
N HIS A 198 -27.76 -5.58 13.24
CA HIS A 198 -28.95 -6.41 13.04
C HIS A 198 -28.85 -7.25 11.76
N LYS A 199 -29.28 -8.51 11.86
CA LYS A 199 -29.16 -9.44 10.74
C LYS A 199 -30.08 -9.07 9.60
N ASP A 200 -30.96 -8.11 9.82
CA ASP A 200 -31.79 -7.56 8.75
C ASP A 200 -30.89 -6.86 7.75
N ASN A 201 -29.74 -6.39 8.22
CA ASN A 201 -28.82 -5.61 7.42
C ASN A 201 -27.43 -6.25 7.29
N ALA A 202 -27.00 -6.91 8.36
CA ALA A 202 -25.65 -7.46 8.42
C ALA A 202 -25.59 -8.92 7.96
N HIS A 203 -24.49 -9.28 7.30
CA HIS A 203 -24.24 -10.67 6.96
C HIS A 203 -22.75 -11.04 7.06
N PHE A 204 -22.49 -12.31 7.30
CA PHE A 204 -21.16 -12.77 7.67
C PHE A 204 -20.68 -13.92 6.78
N SER A 205 -19.37 -13.98 6.56
CA SER A 205 -18.77 -15.06 5.80
C SER A 205 -17.42 -15.46 6.39
N CYS A 206 -17.05 -16.72 6.22
CA CYS A 206 -15.77 -17.22 6.71
C CYS A 206 -15.34 -18.47 5.96
N LEU A 207 -14.11 -18.91 6.21
CA LEU A 207 -13.60 -20.12 5.59
C LEU A 207 -14.53 -21.30 5.88
N SER A 208 -14.49 -22.30 5.02
CA SER A 208 -15.36 -23.46 5.16
C SER A 208 -15.17 -24.16 6.50
N ASP A 209 -13.97 -24.02 7.06
CA ASP A 209 -13.61 -24.76 8.28
C ASP A 209 -13.74 -23.95 9.55
N MET A 210 -14.51 -22.86 9.52
CA MET A 210 -14.76 -22.06 10.72
C MET A 210 -16.16 -21.49 10.72
N ASP A 211 -16.55 -20.88 11.84
CA ASP A 211 -17.84 -20.22 11.95
C ASP A 211 -17.75 -18.97 12.80
N TYR A 212 -18.82 -18.18 12.79
CA TYR A 212 -18.87 -16.91 13.52
C TYR A 212 -18.65 -17.12 15.02
N ASP A 213 -19.21 -18.20 15.55
CA ASP A 213 -19.08 -18.51 16.96
C ASP A 213 -17.64 -18.82 17.37
N SER A 214 -16.89 -19.47 16.49
CA SER A 214 -15.51 -19.83 16.79
C SER A 214 -14.56 -18.65 16.54
N LEU A 215 -14.90 -17.82 15.56
CA LEU A 215 -14.13 -16.62 15.28
C LEU A 215 -14.20 -15.68 16.48
N MET A 216 -15.43 -15.39 16.90
CA MET A 216 -15.68 -14.51 18.04
C MET A 216 -15.09 -15.05 19.33
N SER A 217 -15.07 -16.36 19.47
CA SER A 217 -14.48 -16.99 20.65
C SER A 217 -12.98 -16.76 20.72
N GLU A 218 -12.33 -16.76 19.56
CA GLU A 218 -10.88 -16.60 19.48
C GLU A 218 -10.49 -15.13 19.55
N GLU A 219 -11.33 -14.28 18.96
CA GLU A 219 -11.03 -12.87 18.82
C GLU A 219 -11.42 -12.03 20.02
N LEU A 220 -12.63 -12.24 20.53
CA LEU A 220 -13.15 -11.48 21.67
C LEU A 220 -13.03 -12.24 22.99
N GLY A 221 -13.13 -13.57 22.91
CA GLY A 221 -13.17 -14.38 24.10
C GLY A 221 -14.60 -14.64 24.50
N GLU A 222 -14.81 -15.45 25.53
CA GLU A 222 -16.16 -15.83 25.92
C GLU A 222 -16.80 -14.81 26.86
N SER A 223 -15.99 -14.24 27.76
CA SER A 223 -16.49 -13.24 28.68
C SER A 223 -17.01 -12.02 27.94
N ALA A 224 -16.33 -11.65 26.86
CA ALA A 224 -16.69 -10.47 26.07
C ALA A 224 -17.99 -10.68 25.30
N VAL A 225 -18.07 -11.80 24.58
CA VAL A 225 -19.27 -12.13 23.81
C VAL A 225 -20.48 -12.18 24.75
N THR A 226 -20.29 -12.86 25.87
CA THR A 226 -21.35 -12.98 26.87
C THR A 226 -21.83 -11.61 27.31
N ASP A 227 -20.90 -10.73 27.66
CA ASP A 227 -21.22 -9.38 28.11
C ASP A 227 -21.93 -8.57 27.02
N PHE A 228 -21.63 -8.90 25.76
CA PHE A 228 -22.27 -8.22 24.63
C PHE A 228 -23.73 -8.64 24.47
N ALA A 229 -23.98 -9.95 24.56
CA ALA A 229 -25.34 -10.46 24.47
C ALA A 229 -26.15 -10.04 25.68
N ALA A 230 -25.46 -9.85 26.81
CA ALA A 230 -26.12 -9.47 28.05
C ALA A 230 -26.54 -8.01 28.00
N ARG A 231 -25.67 -7.16 27.46
CA ARG A 231 -25.95 -5.73 27.38
C ARG A 231 -27.06 -5.44 26.38
N LEU A 232 -27.09 -6.18 25.29
CA LEU A 232 -28.19 -6.10 24.34
C LEU A 232 -29.48 -6.50 25.02
N ARG A 233 -29.46 -7.68 25.63
CA ARG A 233 -30.62 -8.25 26.28
C ARG A 233 -31.11 -7.41 27.45
N GLU A 234 -30.18 -6.83 28.21
CA GLU A 234 -30.54 -5.97 29.33
C GLU A 234 -31.35 -4.76 28.88
N GLN A 235 -30.93 -4.15 27.77
CA GLN A 235 -31.61 -2.95 27.26
C GLN A 235 -32.82 -3.28 26.39
N GLY A 236 -33.33 -4.50 26.52
CA GLY A 236 -34.57 -4.89 25.88
C GLY A 236 -34.45 -5.43 24.46
N LEU A 237 -33.23 -5.72 24.03
CA LEU A 237 -33.02 -6.21 22.67
C LEU A 237 -32.82 -7.72 22.64
N HIS A 238 -32.80 -8.30 21.44
CA HIS A 238 -32.62 -9.73 21.27
C HIS A 238 -31.32 -10.05 20.56
N PRO A 239 -30.31 -10.49 21.32
CA PRO A 239 -28.99 -10.85 20.79
C PRO A 239 -29.09 -11.82 19.61
N ALA A 240 -30.20 -12.55 19.54
CA ALA A 240 -30.42 -13.51 18.47
C ALA A 240 -30.50 -12.84 17.10
N ASP A 241 -30.90 -11.58 17.09
CA ASP A 241 -31.03 -10.82 15.85
C ASP A 241 -29.76 -10.05 15.49
N TYR A 242 -28.67 -10.33 16.19
CA TYR A 242 -27.47 -9.49 16.06
C TYR A 242 -26.16 -10.25 15.87
N TYR A 243 -25.28 -9.67 15.06
CA TYR A 243 -23.89 -10.04 15.04
C TYR A 243 -23.14 -8.97 15.82
N PHE A 244 -21.94 -9.30 16.27
CA PHE A 244 -21.08 -8.28 16.87
C PHE A 244 -20.01 -7.91 15.87
N MET A 245 -19.77 -6.62 15.68
CA MET A 245 -18.97 -6.15 14.57
C MET A 245 -18.04 -5.02 14.98
N PRO A 246 -16.75 -5.13 14.62
CA PRO A 246 -15.77 -4.10 14.96
C PRO A 246 -15.80 -2.95 13.96
N ALA A 247 -15.42 -1.76 14.42
CA ALA A 247 -15.38 -0.60 13.56
C ALA A 247 -14.27 0.35 14.01
N HIS A 248 -13.73 1.10 13.06
CA HIS A 248 -12.75 2.13 13.38
C HIS A 248 -13.48 3.19 14.17
N PRO A 249 -12.89 3.63 15.29
CA PRO A 249 -13.55 4.63 16.13
C PRO A 249 -13.91 5.89 15.34
N TRP A 250 -13.04 6.27 14.41
CA TRP A 250 -13.28 7.44 13.59
C TRP A 250 -14.52 7.23 12.72
N GLN A 251 -14.69 6.02 12.21
CA GLN A 251 -15.82 5.70 11.34
C GLN A 251 -17.12 5.81 12.12
N TRP A 252 -17.09 5.42 13.38
CA TRP A 252 -18.26 5.51 14.24
C TRP A 252 -18.65 6.95 14.48
N PHE A 253 -17.69 7.75 14.94
CA PHE A 253 -17.95 9.14 15.30
C PHE A 253 -18.25 10.04 14.08
N ASN A 254 -17.69 9.70 12.93
CA ASN A 254 -17.79 10.57 11.76
C ASN A 254 -18.76 10.12 10.67
N LYS A 255 -19.14 8.85 10.69
CA LYS A 255 -19.97 8.30 9.62
C LYS A 255 -21.17 7.51 10.13
N LEU A 256 -20.90 6.43 10.86
CA LEU A 256 -21.94 5.50 11.29
C LEU A 256 -22.96 6.10 12.27
N SER A 257 -22.48 6.95 13.19
CA SER A 257 -23.36 7.58 14.16
C SER A 257 -24.16 8.72 13.53
N LEU A 258 -23.74 9.16 12.35
CA LEU A 258 -24.36 10.30 11.68
C LEU A 258 -25.16 9.93 10.44
N ALA A 259 -24.46 9.50 9.39
CA ALA A 259 -25.11 9.15 8.13
C ALA A 259 -25.94 7.88 8.28
N PHE A 260 -25.58 7.06 9.26
CA PHE A 260 -26.31 5.83 9.55
C PHE A 260 -27.27 6.04 10.72
N ALA A 261 -27.61 7.29 11.01
CA ALA A 261 -28.50 7.63 12.11
C ALA A 261 -29.82 6.86 12.13
N PRO A 262 -30.50 6.75 10.98
CA PRO A 262 -31.77 6.02 10.94
C PRO A 262 -31.63 4.60 11.48
N TYR A 263 -30.54 3.93 11.15
CA TYR A 263 -30.30 2.57 11.61
C TYR A 263 -29.95 2.52 13.10
N VAL A 264 -29.21 3.51 13.57
CA VAL A 264 -28.91 3.61 15.00
C VAL A 264 -30.20 3.83 15.77
N ALA A 265 -31.01 4.75 15.27
CA ALA A 265 -32.27 5.12 15.93
C ALA A 265 -33.25 3.95 15.96
N GLN A 266 -33.21 3.12 14.92
CA GLN A 266 -34.09 1.97 14.84
C GLN A 266 -33.47 0.74 15.51
N ARG A 267 -32.26 0.93 16.03
CA ARG A 267 -31.55 -0.12 16.77
C ARG A 267 -31.04 -1.24 15.87
N LYS A 268 -30.80 -0.94 14.60
CA LYS A 268 -30.18 -1.90 13.70
C LYS A 268 -28.69 -1.89 13.99
N ILE A 269 -28.21 -0.77 14.51
CA ILE A 269 -26.84 -0.64 14.97
C ILE A 269 -26.85 -0.22 16.43
N VAL A 270 -26.14 -0.97 17.26
CA VAL A 270 -26.07 -0.64 18.68
C VAL A 270 -24.62 -0.53 19.12
N CYS A 271 -24.24 0.66 19.60
CA CYS A 271 -22.87 0.90 20.05
C CYS A 271 -22.60 0.19 21.36
N LEU A 272 -21.75 -0.83 21.31
CA LEU A 272 -21.39 -1.59 22.50
C LEU A 272 -20.17 -1.00 23.21
N GLY A 273 -19.45 -0.13 22.51
CA GLY A 273 -18.28 0.52 23.09
C GLY A 273 -16.95 -0.08 22.66
N TYR A 274 -15.87 0.45 23.26
CA TYR A 274 -14.51 0.01 22.95
C TYR A 274 -14.21 -1.41 23.43
N GLY A 275 -13.47 -2.16 22.61
CA GLY A 275 -12.95 -3.44 23.03
C GLY A 275 -11.85 -3.19 24.04
N GLU A 276 -11.43 -4.23 24.74
CA GLU A 276 -10.42 -4.08 25.79
C GLU A 276 -9.01 -4.18 25.21
N GLU A 277 -8.88 -4.84 24.07
CA GLU A 277 -7.58 -5.07 23.48
C GLU A 277 -7.13 -3.93 22.58
N GLN A 278 -5.84 -3.65 22.58
CA GLN A 278 -5.30 -2.52 21.83
C GLN A 278 -4.60 -2.96 20.55
N TYR A 279 -4.68 -2.10 19.53
CA TYR A 279 -4.09 -2.38 18.24
C TYR A 279 -3.20 -1.23 17.78
N LEU A 280 -2.32 -1.52 16.83
CA LEU A 280 -1.57 -0.47 16.15
C LEU A 280 -2.04 -0.38 14.71
N ALA A 281 -2.39 0.83 14.27
CA ALA A 281 -2.79 1.02 12.89
C ALA A 281 -1.60 0.67 12.00
N GLN A 282 -1.88 -0.06 10.93
CA GLN A 282 -0.82 -0.40 9.97
C GLN A 282 -0.68 0.73 8.96
N GLN A 283 0.19 0.54 7.98
CA GLN A 283 0.42 1.57 6.96
C GLN A 283 -0.82 1.84 6.13
N SER A 284 -1.78 0.92 6.16
CA SER A 284 -3.03 1.11 5.42
C SER A 284 -4.04 1.89 6.25
N ILE A 285 -3.62 2.26 7.46
CA ILE A 285 -4.41 3.12 8.34
C ILE A 285 -5.61 2.44 8.99
N ARG A 286 -6.29 1.59 8.23
CA ARG A 286 -7.54 0.99 8.69
C ARG A 286 -7.42 -0.52 8.94
N THR A 287 -6.20 -1.03 8.88
CA THR A 287 -5.94 -2.40 9.29
C THR A 287 -5.16 -2.36 10.59
N PHE A 288 -5.51 -3.24 11.52
CA PHE A 288 -4.93 -3.15 12.86
C PHE A 288 -4.23 -4.43 13.31
N PHE A 289 -3.04 -4.26 13.88
CA PHE A 289 -2.30 -5.37 14.46
C PHE A 289 -2.52 -5.39 15.96
N ASN A 290 -2.91 -6.56 16.48
CA ASN A 290 -3.17 -6.71 17.89
C ASN A 290 -1.86 -6.76 18.68
N ILE A 291 -1.60 -5.69 19.44
CA ILE A 291 -0.36 -5.61 20.22
C ILE A 291 -0.59 -6.04 21.67
N SER A 292 -1.85 -6.29 22.03
CA SER A 292 -2.18 -6.71 23.39
C SER A 292 -2.11 -8.23 23.55
N ARG A 293 -2.49 -8.96 22.50
CA ARG A 293 -2.54 -10.41 22.57
C ARG A 293 -1.68 -11.09 21.51
N PRO A 294 -1.06 -12.22 21.87
CA PRO A 294 -0.25 -13.01 20.94
C PRO A 294 -1.11 -13.81 19.96
N GLY A 295 -0.78 -13.75 18.68
CA GLY A 295 -1.40 -14.60 17.68
C GLY A 295 -2.78 -14.21 17.18
N LYS A 296 -3.33 -13.09 17.67
CA LYS A 296 -4.64 -12.63 17.20
C LYS A 296 -4.56 -12.12 15.76
N ARG A 297 -5.69 -12.11 15.07
CA ARG A 297 -5.75 -11.70 13.65
C ARG A 297 -5.73 -10.18 13.48
N TYR A 298 -5.32 -9.73 12.29
CA TYR A 298 -5.48 -8.34 11.91
C TYR A 298 -6.98 -8.07 11.88
N VAL A 299 -7.37 -6.83 12.17
CA VAL A 299 -8.74 -6.43 11.93
C VAL A 299 -8.74 -5.31 10.91
N LYS A 300 -9.47 -5.49 9.82
CA LYS A 300 -9.54 -4.48 8.78
C LYS A 300 -10.93 -3.88 8.72
N THR A 301 -11.03 -2.58 8.96
CA THR A 301 -12.32 -1.90 9.02
C THR A 301 -12.48 -0.91 7.88
N SER A 302 -13.73 -0.56 7.60
CA SER A 302 -14.01 0.47 6.60
C SER A 302 -13.69 1.83 7.21
N LEU A 303 -13.08 2.70 6.43
CA LEU A 303 -12.71 4.03 6.90
C LEU A 303 -12.90 5.05 5.77
N SER A 304 -13.81 5.99 5.97
CA SER A 304 -14.20 6.90 4.90
C SER A 304 -13.36 8.19 4.82
N ILE A 305 -12.05 8.04 4.65
CA ILE A 305 -11.19 9.18 4.41
C ILE A 305 -10.67 9.17 2.97
N LEU A 306 -10.08 10.29 2.55
CA LEU A 306 -9.53 10.37 1.20
C LEU A 306 -8.02 10.21 1.23
N ASN A 307 -7.53 9.12 0.65
CA ASN A 307 -6.10 8.89 0.57
C ASN A 307 -5.72 8.34 -0.80
N MET A 308 -5.11 9.18 -1.61
CA MET A 308 -4.92 8.88 -3.02
C MET A 308 -6.29 8.76 -3.67
N GLY A 309 -6.84 7.55 -3.71
CA GLY A 309 -8.23 7.34 -4.07
C GLY A 309 -9.04 7.45 -2.78
N PHE A 310 -10.36 7.46 -2.89
CA PHE A 310 -11.17 7.50 -1.68
C PHE A 310 -11.32 6.10 -1.10
N MET A 311 -10.75 5.91 0.09
CA MET A 311 -10.70 4.60 0.73
C MET A 311 -12.08 3.94 0.80
N ARG A 312 -12.09 2.61 0.88
CA ARG A 312 -13.35 1.88 0.77
C ARG A 312 -13.67 0.99 1.98
N GLY A 313 -14.06 -0.23 1.64
CA GLY A 313 -14.55 -1.22 2.58
C GLY A 313 -15.30 -2.22 1.74
N LEU A 314 -15.51 -3.43 2.25
CA LEU A 314 -16.11 -4.50 1.47
C LEU A 314 -17.42 -4.07 0.82
N SER A 315 -17.43 -4.12 -0.51
CA SER A 315 -18.68 -3.92 -1.25
C SER A 315 -19.55 -5.14 -0.96
N PRO A 316 -20.86 -5.03 -1.21
CA PRO A 316 -21.75 -6.16 -0.91
C PRO A 316 -21.18 -7.49 -1.39
N TYR A 317 -20.63 -7.49 -2.61
CA TYR A 317 -20.05 -8.70 -3.19
C TYR A 317 -18.91 -9.26 -2.34
N TYR A 318 -17.96 -8.39 -2.00
CA TYR A 318 -16.78 -8.83 -1.26
C TYR A 318 -17.08 -9.12 0.21
N MET A 319 -18.14 -8.51 0.74
CA MET A 319 -18.59 -8.85 2.08
C MET A 319 -18.84 -10.36 2.13
N ALA A 320 -19.38 -10.88 1.04
CA ALA A 320 -19.84 -12.26 0.98
C ALA A 320 -18.83 -13.24 0.39
N GLY A 321 -18.02 -12.79 -0.57
CA GLY A 321 -17.16 -13.69 -1.30
C GLY A 321 -15.68 -13.64 -0.93
N THR A 322 -15.31 -12.70 -0.06
CA THR A 322 -13.91 -12.52 0.31
C THR A 322 -13.23 -13.82 0.79
N PRO A 323 -13.79 -14.49 1.81
CA PRO A 323 -13.17 -15.72 2.32
C PRO A 323 -13.16 -16.84 1.27
N ALA A 324 -14.19 -16.89 0.42
CA ALA A 324 -14.25 -17.92 -0.61
C ALA A 324 -13.08 -17.76 -1.58
N ILE A 325 -12.77 -16.52 -1.93
CA ILE A 325 -11.66 -16.22 -2.84
C ILE A 325 -10.32 -16.57 -2.21
N ASN A 326 -10.14 -16.19 -0.96
CA ASN A 326 -8.92 -16.49 -0.22
C ASN A 326 -8.73 -17.97 -0.01
N GLU A 327 -9.82 -18.69 0.21
CA GLU A 327 -9.77 -20.12 0.45
C GLU A 327 -9.37 -20.86 -0.83
N TYR A 328 -9.90 -20.40 -1.97
CA TYR A 328 -9.54 -21.00 -3.23
C TYR A 328 -8.07 -20.77 -3.55
N ILE A 329 -7.64 -19.52 -3.39
CA ILE A 329 -6.27 -19.14 -3.71
C ILE A 329 -5.27 -19.83 -2.78
N HIS A 330 -5.63 -19.98 -1.51
CA HIS A 330 -4.73 -20.62 -0.55
C HIS A 330 -4.57 -22.11 -0.83
N ASP A 331 -5.65 -22.74 -1.31
CA ASP A 331 -5.61 -24.14 -1.69
C ASP A 331 -4.80 -24.35 -2.96
N LEU A 332 -4.96 -23.42 -3.90
CA LEU A 332 -4.22 -23.46 -5.15
C LEU A 332 -2.72 -23.41 -4.89
N ILE A 333 -2.28 -22.42 -4.13
CA ILE A 333 -0.87 -22.26 -3.80
C ILE A 333 -0.35 -23.43 -2.95
N SER A 334 -1.22 -23.99 -2.12
CA SER A 334 -0.85 -25.11 -1.26
C SER A 334 -0.61 -26.40 -2.04
N ALA A 335 -1.43 -26.62 -3.08
CA ALA A 335 -1.36 -27.83 -3.88
C ALA A 335 -0.31 -27.73 -4.99
N ASP A 336 0.39 -26.60 -5.04
CA ASP A 336 1.43 -26.38 -6.03
C ASP A 336 2.78 -26.76 -5.47
N PRO A 337 3.38 -27.85 -6.00
CA PRO A 337 4.66 -28.35 -5.50
C PRO A 337 5.75 -27.29 -5.56
N TRP A 338 5.77 -26.47 -6.60
CA TRP A 338 6.82 -25.48 -6.74
C TRP A 338 6.66 -24.34 -5.73
N LEU A 339 5.42 -23.85 -5.60
CA LEU A 339 5.14 -22.77 -4.66
C LEU A 339 5.39 -23.24 -3.23
N ARG A 340 5.11 -24.52 -2.98
CA ARG A 340 5.30 -25.10 -1.65
C ARG A 340 6.78 -25.12 -1.31
N ALA A 341 7.60 -25.42 -2.31
CA ALA A 341 9.04 -25.46 -2.13
C ALA A 341 9.65 -24.06 -2.01
N ASN A 342 9.03 -23.10 -2.67
CA ASN A 342 9.50 -21.71 -2.63
C ASN A 342 9.21 -21.04 -1.30
N GLY A 343 8.01 -21.28 -0.77
CA GLY A 343 7.62 -20.70 0.50
C GLY A 343 6.61 -19.58 0.35
N PHE A 344 6.48 -19.04 -0.85
CA PHE A 344 5.52 -17.99 -1.11
C PHE A 344 4.13 -18.38 -0.62
N ARG A 345 3.44 -17.46 0.03
CA ARG A 345 2.19 -17.77 0.71
C ARG A 345 1.38 -16.48 0.86
N ILE A 346 0.06 -16.59 0.78
CA ILE A 346 -0.78 -15.43 1.02
C ILE A 346 -1.25 -15.39 2.46
N LEU A 347 -1.62 -14.20 2.93
CA LEU A 347 -2.24 -14.06 4.23
C LEU A 347 -3.75 -13.95 4.04
N ARG A 348 -4.46 -15.01 4.41
CA ARG A 348 -5.88 -15.11 4.15
C ARG A 348 -6.72 -14.09 4.91
N GLU A 349 -7.65 -13.45 4.19
CA GLU A 349 -8.74 -12.77 4.84
C GLU A 349 -9.77 -13.86 5.12
N VAL A 350 -9.75 -14.36 6.35
CA VAL A 350 -10.43 -15.60 6.69
C VAL A 350 -11.91 -15.42 7.04
N ALA A 351 -12.31 -14.20 7.37
CA ALA A 351 -13.69 -13.91 7.70
C ALA A 351 -14.00 -12.46 7.38
N SER A 352 -15.23 -12.21 6.95
CA SER A 352 -15.64 -10.85 6.62
C SER A 352 -17.10 -10.62 7.00
N MET A 353 -17.41 -9.37 7.32
CA MET A 353 -18.77 -9.00 7.71
C MET A 353 -19.10 -7.64 7.12
N GLY A 354 -20.35 -7.45 6.73
CA GLY A 354 -20.75 -6.20 6.11
C GLY A 354 -22.14 -5.77 6.54
N PHE A 355 -22.27 -4.51 6.93
CA PHE A 355 -23.58 -3.95 7.23
C PHE A 355 -24.07 -3.24 5.99
N ARG A 356 -25.27 -3.59 5.52
CA ARG A 356 -25.77 -3.02 4.28
C ARG A 356 -26.74 -1.88 4.51
N ASN A 357 -26.47 -0.76 3.85
CA ASN A 357 -27.34 0.40 3.90
C ASN A 357 -28.32 0.40 2.74
N TYR A 358 -29.55 -0.06 3.01
CA TYR A 358 -30.56 -0.18 1.96
C TYR A 358 -31.07 1.17 1.45
N TYR A 359 -30.82 2.22 2.22
CA TYR A 359 -31.13 3.57 1.77
C TYR A 359 -30.23 3.94 0.60
N TYR A 360 -28.93 3.79 0.78
CA TYR A 360 -27.96 4.06 -0.28
C TYR A 360 -28.13 3.12 -1.47
N GLU A 361 -28.47 1.86 -1.20
CA GLU A 361 -28.57 0.87 -2.26
C GLU A 361 -29.83 1.05 -3.10
N ALA A 362 -30.88 1.59 -2.48
CA ALA A 362 -32.11 1.89 -3.21
C ALA A 362 -31.92 3.14 -4.05
N ALA A 363 -31.05 4.03 -3.58
CA ALA A 363 -30.83 5.32 -4.23
C ALA A 363 -29.81 5.25 -5.36
N ILE A 364 -28.80 4.41 -5.19
CA ILE A 364 -27.74 4.27 -6.19
C ILE A 364 -27.62 2.84 -6.68
N ASP A 365 -27.97 2.62 -7.95
CA ASP A 365 -27.96 1.29 -8.53
C ASP A 365 -26.58 0.86 -9.05
N THR A 366 -25.61 1.76 -9.00
CA THR A 366 -24.26 1.46 -9.46
C THR A 366 -23.29 1.34 -8.29
N ASP A 367 -22.04 1.00 -8.59
CA ASP A 367 -21.02 0.93 -7.56
C ASP A 367 -20.73 2.31 -6.98
N THR A 368 -20.56 2.37 -5.66
CA THR A 368 -20.34 3.64 -4.99
C THR A 368 -19.70 3.42 -3.62
N PRO A 369 -18.89 4.38 -3.17
CA PRO A 369 -18.29 4.32 -1.83
C PRO A 369 -19.36 4.32 -0.73
N TYR A 370 -20.59 4.63 -1.10
CA TYR A 370 -21.69 4.69 -0.14
C TYR A 370 -22.25 3.31 0.22
N LYS A 371 -21.77 2.28 -0.50
CA LYS A 371 -22.17 0.90 -0.21
C LYS A 371 -21.04 0.18 0.52
N LYS A 372 -19.98 0.91 0.84
CA LYS A 372 -18.79 0.31 1.43
C LYS A 372 -18.35 1.04 2.70
N MET A 373 -19.31 1.65 3.40
CA MET A 373 -19.00 2.47 4.56
C MET A 373 -19.01 1.72 5.89
N PHE A 374 -19.50 0.49 5.87
CA PHE A 374 -19.60 -0.29 7.11
C PHE A 374 -19.28 -1.76 6.87
N SER A 375 -18.00 -2.11 6.96
CA SER A 375 -17.56 -3.49 6.76
C SER A 375 -16.34 -3.82 7.61
N ALA A 376 -16.07 -5.11 7.76
CA ALA A 376 -14.91 -5.56 8.50
C ALA A 376 -14.47 -6.93 8.02
N LEU A 377 -13.17 -7.21 8.13
CA LEU A 377 -12.66 -8.56 7.86
C LEU A 377 -11.49 -8.87 8.79
N TRP A 378 -11.22 -10.16 8.96
CA TRP A 378 -10.10 -10.60 9.79
C TRP A 378 -9.06 -11.28 8.91
N ARG A 379 -7.79 -11.02 9.21
CA ARG A 379 -6.70 -11.51 8.36
C ARG A 379 -5.62 -12.25 9.14
N GLU A 380 -5.11 -13.32 8.53
CA GLU A 380 -4.06 -14.14 9.14
C GLU A 380 -2.91 -13.30 9.69
N ASN A 381 -2.47 -13.64 10.90
CA ASN A 381 -1.31 -13.02 11.52
C ASN A 381 -0.06 -13.80 11.12
N PRO A 382 0.91 -13.13 10.48
CA PRO A 382 2.07 -13.79 9.89
C PRO A 382 3.10 -14.25 10.92
N LEU A 383 3.10 -13.63 12.09
CA LEU A 383 4.06 -13.95 13.15
C LEU A 383 3.93 -15.40 13.62
N THR A 384 2.74 -15.96 13.45
CA THR A 384 2.48 -17.33 13.86
C THR A 384 2.95 -18.32 12.79
N LEU A 385 3.29 -17.81 11.61
CA LEU A 385 3.65 -18.65 10.48
C LEU A 385 5.14 -18.65 10.16
N ILE A 386 5.95 -18.16 11.09
CA ILE A 386 7.40 -18.14 10.91
C ILE A 386 8.13 -18.74 12.10
N ALA A 387 9.39 -19.07 11.91
CA ALA A 387 10.18 -19.74 12.95
C ALA A 387 10.94 -18.75 13.82
N PRO A 388 11.36 -19.20 15.02
CA PRO A 388 12.24 -18.40 15.87
C PRO A 388 13.50 -18.03 15.11
N GLY A 389 13.96 -16.79 15.25
CA GLY A 389 15.15 -16.34 14.55
C GLY A 389 14.83 -15.73 13.20
N GLN A 390 13.55 -15.72 12.85
CA GLN A 390 13.10 -15.03 11.64
C GLN A 390 12.32 -13.79 12.04
N ASN A 391 12.39 -12.76 11.21
CA ASN A 391 11.59 -11.56 11.44
C ASN A 391 10.85 -11.14 10.18
N LEU A 392 9.83 -10.30 10.36
CA LEU A 392 9.04 -9.81 9.25
C LEU A 392 9.28 -8.33 9.02
N MET A 393 9.25 -7.92 7.77
CA MET A 393 9.35 -6.50 7.43
C MET A 393 8.60 -6.23 6.12
N THR A 394 7.82 -5.16 6.11
CA THR A 394 7.15 -4.73 4.89
C THR A 394 8.21 -4.49 3.83
N MET A 395 7.95 -4.94 2.61
CA MET A 395 8.92 -4.78 1.52
C MET A 395 9.16 -3.30 1.26
N ALA A 396 8.25 -2.46 1.73
CA ALA A 396 8.41 -1.01 1.61
C ALA A 396 9.68 -0.56 2.32
N ALA A 397 10.12 -1.34 3.28
CA ALA A 397 11.32 -1.02 4.06
C ALA A 397 12.58 -0.97 3.20
N LEU A 398 12.57 -1.68 2.07
CA LEU A 398 13.73 -1.73 1.20
C LEU A 398 13.99 -0.37 0.55
N LEU A 399 12.95 0.45 0.45
CA LEU A 399 13.07 1.78 -0.16
C LEU A 399 13.22 2.86 0.90
N HIS A 400 13.34 2.46 2.15
CA HIS A 400 13.32 3.39 3.27
C HIS A 400 14.61 4.21 3.42
N VAL A 401 14.44 5.51 3.58
CA VAL A 401 15.54 6.42 3.86
C VAL A 401 15.19 7.24 5.10
N ASP A 402 15.99 7.12 6.15
CA ASP A 402 15.71 7.82 7.40
C ASP A 402 15.87 9.33 7.24
N PRO A 403 15.40 10.11 8.24
CA PRO A 403 15.43 11.58 8.13
C PRO A 403 16.83 12.17 7.98
N GLN A 404 17.87 11.40 8.27
CA GLN A 404 19.24 11.90 8.14
C GLN A 404 19.79 11.62 6.74
N GLY A 405 19.02 10.90 5.94
CA GLY A 405 19.39 10.62 4.57
C GLY A 405 19.99 9.25 4.34
N ARG A 406 20.00 8.42 5.38
CA ARG A 406 20.59 7.08 5.29
C ARG A 406 19.56 6.03 4.89
N ALA A 407 19.91 5.25 3.87
CA ALA A 407 19.03 4.20 3.37
C ALA A 407 19.09 2.96 4.25
N LEU A 408 17.95 2.28 4.38
CA LEU A 408 17.86 1.08 5.19
C LEU A 408 18.48 -0.13 4.50
N LEU A 409 18.30 -0.21 3.18
CA LEU A 409 18.73 -1.38 2.41
C LEU A 409 20.20 -1.76 2.60
N PRO A 410 21.11 -0.77 2.52
CA PRO A 410 22.54 -1.09 2.67
C PRO A 410 22.82 -1.68 4.05
N GLU A 411 22.14 -1.16 5.07
CA GLU A 411 22.29 -1.66 6.43
C GLU A 411 21.77 -3.09 6.53
N LEU A 412 20.62 -3.34 5.92
CA LEU A 412 20.02 -4.66 5.93
C LEU A 412 20.95 -5.68 5.24
N ILE A 413 21.43 -5.32 4.07
CA ILE A 413 22.33 -6.19 3.31
C ILE A 413 23.64 -6.40 4.06
N GLN A 414 24.10 -5.37 4.76
CA GLN A 414 25.32 -5.50 5.55
C GLN A 414 25.14 -6.49 6.68
N ALA A 415 23.98 -6.44 7.33
CA ALA A 415 23.69 -7.31 8.47
C ALA A 415 23.57 -8.77 8.06
N SER A 416 23.28 -9.00 6.78
CA SER A 416 23.10 -10.36 6.27
C SER A 416 24.42 -11.05 6.02
N GLY A 417 25.46 -10.27 5.74
CA GLY A 417 26.78 -10.83 5.49
C GLY A 417 26.95 -11.24 4.04
N LEU A 418 25.84 -11.29 3.32
CA LEU A 418 25.86 -11.55 1.88
C LEU A 418 26.38 -10.32 1.15
N ASP A 419 26.74 -10.49 -0.11
CA ASP A 419 27.05 -9.33 -0.94
C ASP A 419 25.79 -8.94 -1.72
N ALA A 420 25.72 -7.69 -2.16
CA ALA A 420 24.53 -7.16 -2.79
C ALA A 420 23.97 -8.10 -3.86
N GLY A 421 24.86 -8.66 -4.67
CA GLY A 421 24.45 -9.55 -5.74
C GLY A 421 23.72 -10.77 -5.21
N THR A 422 24.32 -11.46 -4.25
CA THR A 422 23.72 -12.66 -3.67
C THR A 422 22.45 -12.31 -2.90
N TRP A 423 22.47 -11.17 -2.22
CA TRP A 423 21.31 -10.72 -1.45
C TRP A 423 20.12 -10.46 -2.37
N LEU A 424 20.37 -9.71 -3.44
CA LEU A 424 19.32 -9.35 -4.38
C LEU A 424 18.77 -10.56 -5.14
N GLU A 425 19.58 -11.61 -5.25
CA GLU A 425 19.11 -12.84 -5.87
C GLU A 425 18.16 -13.57 -4.94
N ARG A 426 18.55 -13.67 -3.67
CA ARG A 426 17.69 -14.25 -2.64
C ARG A 426 16.36 -13.51 -2.62
N TYR A 427 16.43 -12.18 -2.66
CA TYR A 427 15.25 -11.33 -2.62
C TYR A 427 14.36 -11.47 -3.84
N VAL A 428 14.96 -11.57 -5.02
CA VAL A 428 14.20 -11.67 -6.26
C VAL A 428 13.44 -13.00 -6.37
N ASP A 429 14.08 -14.09 -5.97
CA ASP A 429 13.45 -15.41 -6.03
C ASP A 429 12.40 -15.59 -4.95
N ALA A 430 12.46 -14.75 -3.93
CA ALA A 430 11.47 -14.78 -2.86
C ALA A 430 10.26 -13.93 -3.20
N TYR A 431 10.46 -12.99 -4.12
CA TYR A 431 9.44 -11.99 -4.42
C TYR A 431 8.93 -12.06 -5.86
N LEU A 432 9.83 -11.85 -6.81
CA LEU A 432 9.45 -11.77 -8.22
C LEU A 432 9.14 -13.14 -8.86
N THR A 433 10.00 -14.12 -8.62
CA THR A 433 9.87 -15.43 -9.24
C THR A 433 8.53 -16.11 -8.95
N PRO A 434 8.09 -16.09 -7.68
CA PRO A 434 6.79 -16.68 -7.34
C PRO A 434 5.61 -15.99 -8.05
N LEU A 435 5.68 -14.68 -8.19
CA LEU A 435 4.65 -13.93 -8.89
C LEU A 435 4.61 -14.40 -10.34
N ILE A 436 5.79 -14.57 -10.91
CA ILE A 436 5.91 -14.97 -12.31
C ILE A 436 5.44 -16.41 -12.49
N HIS A 437 5.63 -17.22 -11.45
CA HIS A 437 5.15 -18.60 -11.48
C HIS A 437 3.62 -18.62 -11.39
N CYS A 438 3.08 -17.84 -10.46
CA CYS A 438 1.64 -17.75 -10.30
C CYS A 438 0.95 -17.35 -11.60
N PHE A 439 1.57 -16.44 -12.35
CA PHE A 439 1.00 -16.00 -13.62
C PHE A 439 1.06 -17.07 -14.70
N TYR A 440 2.22 -17.69 -14.88
CA TYR A 440 2.39 -18.67 -15.94
C TYR A 440 1.68 -19.98 -15.64
N ALA A 441 1.82 -20.47 -14.40
CA ALA A 441 1.19 -21.72 -14.00
C ALA A 441 -0.31 -21.55 -13.74
N HIS A 442 -0.70 -20.39 -13.23
CA HIS A 442 -2.07 -20.23 -12.77
C HIS A 442 -2.79 -18.98 -13.30
N ASP A 443 -2.11 -18.18 -14.11
CA ASP A 443 -2.69 -16.92 -14.58
C ASP A 443 -3.14 -16.07 -13.40
N LEU A 444 -2.52 -16.30 -12.25
CA LEU A 444 -2.88 -15.66 -10.99
C LEU A 444 -2.07 -14.40 -10.74
N VAL A 445 -2.74 -13.27 -10.57
CA VAL A 445 -2.06 -12.01 -10.33
C VAL A 445 -2.55 -11.32 -9.05
N PHE A 446 -1.67 -10.51 -8.46
CA PHE A 446 -1.97 -9.78 -7.23
C PHE A 446 -1.72 -8.29 -7.44
N MET A 447 -1.50 -7.58 -6.34
CA MET A 447 -1.02 -6.21 -6.39
C MET A 447 0.27 -6.19 -5.58
N PRO A 448 1.38 -6.56 -6.24
CA PRO A 448 2.65 -6.90 -5.61
C PRO A 448 3.53 -5.70 -5.27
N HIS A 449 2.97 -4.63 -4.70
CA HIS A 449 3.80 -3.50 -4.31
C HIS A 449 4.31 -3.59 -2.87
N GLY A 450 5.17 -2.66 -2.50
CA GLY A 450 5.82 -2.67 -1.20
C GLY A 450 4.91 -2.77 0.01
N GLU A 451 3.71 -2.20 -0.11
CA GLU A 451 2.76 -2.18 0.99
C GLU A 451 2.06 -3.52 1.18
N ASN A 452 1.97 -4.30 0.11
CA ASN A 452 1.26 -5.58 0.15
C ASN A 452 2.15 -6.80 0.36
N VAL A 453 3.47 -6.61 0.26
CA VAL A 453 4.39 -7.73 0.43
C VAL A 453 5.11 -7.65 1.77
N ILE A 454 5.03 -8.74 2.52
CA ILE A 454 5.76 -8.85 3.77
C ILE A 454 6.87 -9.89 3.62
N LEU A 455 8.11 -9.43 3.74
CA LEU A 455 9.27 -10.31 3.57
C LEU A 455 9.61 -11.05 4.85
N VAL A 456 9.82 -12.35 4.74
CA VAL A 456 10.33 -13.14 5.86
C VAL A 456 11.86 -13.05 5.86
N ILE A 457 12.40 -12.46 6.90
CA ILE A 457 13.83 -12.21 7.00
C ILE A 457 14.48 -13.13 8.02
N GLN A 458 15.62 -13.72 7.66
CA GLN A 458 16.36 -14.57 8.57
C GLN A 458 17.82 -14.11 8.67
N ASP A 459 18.12 -13.35 9.70
CA ASP A 459 19.45 -12.79 9.90
C ASP A 459 19.88 -11.93 8.72
N GLY A 460 19.00 -11.02 8.32
CA GLY A 460 19.29 -10.08 7.25
C GLY A 460 18.94 -10.62 5.87
N VAL A 461 18.75 -11.94 5.78
CA VAL A 461 18.49 -12.57 4.50
C VAL A 461 17.00 -12.68 4.20
N PRO A 462 16.60 -12.33 2.97
CA PRO A 462 15.22 -12.54 2.53
C PRO A 462 14.98 -14.00 2.15
N VAL A 463 14.19 -14.71 2.94
CA VAL A 463 13.98 -16.14 2.72
C VAL A 463 12.76 -16.41 1.85
N ARG A 464 11.64 -15.77 2.19
CA ARG A 464 10.39 -15.93 1.45
C ARG A 464 9.50 -14.71 1.64
N ALA A 465 8.28 -14.75 1.13
CA ALA A 465 7.39 -13.61 1.17
C ALA A 465 5.93 -13.97 1.38
N PHE A 466 5.20 -13.09 2.07
CA PHE A 466 3.77 -13.21 2.20
C PHE A 466 3.13 -12.18 1.28
N MET A 467 1.96 -12.50 0.77
CA MET A 467 1.16 -11.52 0.02
C MET A 467 -0.14 -11.29 0.76
N LYS A 468 -0.50 -10.01 0.94
CA LYS A 468 -1.76 -9.68 1.59
C LYS A 468 -2.60 -8.79 0.66
N ASP A 469 -3.81 -8.47 1.10
CA ASP A 469 -4.75 -7.73 0.26
C ASP A 469 -5.09 -8.60 -0.94
N ILE A 470 -5.95 -9.60 -0.71
CA ILE A 470 -6.12 -10.68 -1.67
C ILE A 470 -7.42 -10.63 -2.48
N ALA A 471 -8.55 -10.65 -1.79
CA ALA A 471 -9.85 -10.70 -2.45
C ALA A 471 -10.12 -9.53 -3.39
N GLU A 472 -9.62 -8.35 -3.05
CA GLU A 472 -9.91 -7.13 -3.81
C GLU A 472 -8.84 -6.75 -4.85
N GLU A 473 -7.76 -7.53 -4.91
CA GLU A 473 -6.67 -7.25 -5.84
C GLU A 473 -6.37 -8.44 -6.75
N SER A 474 -6.66 -9.64 -6.26
CA SER A 474 -6.33 -10.87 -6.99
C SER A 474 -7.27 -11.12 -8.17
N SER A 475 -6.69 -11.59 -9.27
CA SER A 475 -7.46 -11.99 -10.44
C SER A 475 -6.83 -13.23 -11.06
N ILE A 476 -7.68 -14.13 -11.56
CA ILE A 476 -7.20 -15.24 -12.37
C ILE A 476 -7.51 -14.93 -13.81
N LEU A 477 -6.47 -14.63 -14.59
CA LEU A 477 -6.65 -14.18 -15.95
C LEU A 477 -7.01 -15.33 -16.88
N ASN A 478 -8.02 -16.08 -16.49
CA ASN A 478 -8.48 -17.22 -17.26
C ASN A 478 -9.97 -17.46 -17.01
N PRO A 479 -10.82 -16.98 -17.95
CA PRO A 479 -12.27 -17.03 -17.79
C PRO A 479 -12.80 -18.46 -17.62
N GLN A 480 -11.99 -19.45 -17.96
CA GLN A 480 -12.45 -20.84 -17.94
C GLN A 480 -12.17 -21.57 -16.62
N VAL A 481 -11.38 -20.97 -15.73
CA VAL A 481 -11.08 -21.61 -14.46
C VAL A 481 -12.37 -21.97 -13.73
N ARG A 482 -12.44 -23.18 -13.20
CA ARG A 482 -13.61 -23.63 -12.49
C ARG A 482 -13.58 -23.11 -11.05
N LEU A 483 -14.58 -22.30 -10.70
CA LEU A 483 -14.57 -21.61 -9.41
C LEU A 483 -15.82 -21.88 -8.58
N PRO A 484 -15.66 -21.94 -7.25
CA PRO A 484 -16.80 -21.96 -6.33
C PRO A 484 -17.70 -20.74 -6.61
N GLN A 485 -19.00 -20.92 -6.41
CA GLN A 485 -19.99 -19.93 -6.83
C GLN A 485 -19.82 -18.56 -6.19
N ALA A 486 -19.11 -18.50 -5.07
CA ALA A 486 -18.97 -17.23 -4.34
C ALA A 486 -17.69 -16.48 -4.71
N ALA A 487 -16.74 -17.18 -5.32
CA ALA A 487 -15.46 -16.57 -5.67
C ALA A 487 -15.39 -16.28 -7.17
N GLN A 488 -16.54 -16.11 -7.79
CA GLN A 488 -16.62 -16.06 -9.26
C GLN A 488 -16.00 -14.82 -9.91
N ARG A 489 -16.11 -13.66 -9.27
CA ARG A 489 -15.55 -12.44 -9.84
C ARG A 489 -14.02 -12.49 -9.89
N LEU A 490 -13.46 -13.54 -9.28
CA LEU A 490 -12.02 -13.73 -9.27
C LEU A 490 -11.52 -13.85 -10.71
N ALA A 491 -12.23 -14.63 -11.52
CA ALA A 491 -11.87 -14.82 -12.92
C ALA A 491 -12.12 -13.55 -13.72
N ALA A 492 -11.18 -13.22 -14.61
CA ALA A 492 -11.30 -12.01 -15.41
C ALA A 492 -10.95 -12.25 -16.88
N ASP A 493 -11.68 -11.58 -17.76
CA ASP A 493 -11.45 -11.68 -19.20
C ASP A 493 -10.65 -10.47 -19.66
N VAL A 494 -9.34 -10.63 -19.77
CA VAL A 494 -8.44 -9.50 -20.00
C VAL A 494 -7.77 -9.56 -21.37
N PRO A 495 -7.63 -8.40 -22.02
CA PRO A 495 -6.89 -8.30 -23.28
C PRO A 495 -5.45 -8.81 -23.15
N GLU A 496 -4.89 -9.30 -24.25
CA GLU A 496 -3.57 -9.92 -24.24
C GLU A 496 -2.48 -9.01 -23.69
N ALA A 497 -2.46 -7.76 -24.16
CA ALA A 497 -1.40 -6.83 -23.81
C ALA A 497 -1.45 -6.39 -22.34
N TYR A 498 -2.43 -6.90 -21.60
CA TYR A 498 -2.62 -6.50 -20.20
C TYR A 498 -2.39 -7.65 -19.23
N LYS A 499 -1.99 -8.80 -19.76
CA LYS A 499 -1.72 -9.99 -18.94
C LYS A 499 -0.52 -9.80 -18.00
N LEU A 500 0.57 -9.24 -18.54
CA LEU A 500 1.81 -9.09 -17.79
C LEU A 500 1.91 -7.74 -17.08
N LEU A 501 0.84 -6.96 -17.15
CA LEU A 501 0.79 -5.66 -16.50
C LEU A 501 1.29 -5.74 -15.05
N THR A 502 0.91 -6.79 -14.35
CA THR A 502 1.26 -6.96 -12.94
C THR A 502 2.77 -6.97 -12.72
N ILE A 503 3.51 -7.43 -13.72
CA ILE A 503 4.97 -7.45 -13.66
C ILE A 503 5.59 -6.17 -14.22
N PHE A 504 5.21 -5.83 -15.45
CA PHE A 504 5.73 -4.63 -16.11
C PHE A 504 5.37 -3.36 -15.35
N VAL A 505 4.12 -3.26 -14.92
CA VAL A 505 3.62 -2.04 -14.28
C VAL A 505 3.80 -2.05 -12.76
N ASP A 506 3.26 -3.08 -12.11
CA ASP A 506 3.26 -3.14 -10.65
C ASP A 506 4.63 -3.44 -10.04
N VAL A 507 5.42 -4.30 -10.69
CA VAL A 507 6.72 -4.68 -10.14
C VAL A 507 7.86 -3.83 -10.70
N PHE A 508 8.04 -3.89 -12.01
CA PHE A 508 9.13 -3.20 -12.70
C PHE A 508 9.10 -1.68 -12.57
N GLU A 509 8.06 -1.05 -13.12
CA GLU A 509 7.95 0.40 -13.14
C GLU A 509 7.47 0.96 -11.80
N GLY A 510 6.64 0.20 -11.10
CA GLY A 510 6.06 0.66 -9.85
C GLY A 510 6.96 0.54 -8.63
N TYR A 511 7.85 -0.44 -8.62
CA TYR A 511 8.68 -0.68 -7.44
C TYR A 511 10.18 -0.79 -7.74
N PHE A 512 10.54 -1.72 -8.62
CA PHE A 512 11.94 -1.90 -9.00
C PHE A 512 12.53 -0.59 -9.51
N ARG A 513 11.68 0.20 -10.17
CA ARG A 513 12.09 1.50 -10.69
C ARG A 513 12.66 2.36 -9.59
N HIS A 514 12.07 2.27 -8.41
CA HIS A 514 12.51 3.06 -7.25
C HIS A 514 13.65 2.38 -6.50
N LEU A 515 13.67 1.05 -6.54
CA LEU A 515 14.69 0.28 -5.83
C LEU A 515 16.07 0.52 -6.43
N THR A 516 16.13 0.63 -7.76
CA THR A 516 17.40 0.82 -8.45
C THR A 516 17.99 2.20 -8.16
N GLN A 517 17.13 3.16 -7.85
CA GLN A 517 17.61 4.48 -7.46
C GLN A 517 18.33 4.39 -6.11
N ILE A 518 17.75 3.60 -5.22
CA ILE A 518 18.36 3.35 -3.91
C ILE A 518 19.68 2.61 -4.10
N LEU A 519 19.66 1.59 -4.94
CA LEU A 519 20.85 0.78 -5.20
C LEU A 519 21.98 1.61 -5.79
N VAL A 520 21.64 2.62 -6.59
CA VAL A 520 22.64 3.48 -7.22
C VAL A 520 23.12 4.58 -6.27
N GLU A 521 22.19 5.15 -5.51
CA GLU A 521 22.53 6.20 -4.56
C GLU A 521 23.47 5.68 -3.49
N THR A 522 23.21 4.45 -3.03
CA THR A 522 23.99 3.84 -1.97
C THR A 522 25.20 3.11 -2.52
N GLU A 523 25.35 3.13 -3.84
CA GLU A 523 26.45 2.44 -4.52
C GLU A 523 26.50 0.95 -4.17
N LEU A 524 25.32 0.36 -4.00
CA LEU A 524 25.21 -1.07 -3.77
C LEU A 524 25.39 -1.86 -5.06
N MET A 525 24.81 -1.34 -6.15
CA MET A 525 24.88 -2.01 -7.43
C MET A 525 24.54 -1.10 -8.61
N PRO A 526 25.25 -1.27 -9.72
CA PRO A 526 24.96 -0.52 -10.96
C PRO A 526 23.60 -0.91 -11.52
N GLU A 527 22.90 0.06 -12.10
CA GLU A 527 21.58 -0.17 -12.64
C GLU A 527 21.57 -1.39 -13.55
N HIS A 528 22.53 -1.46 -14.47
CA HIS A 528 22.55 -2.53 -15.46
C HIS A 528 22.83 -3.89 -14.84
N ASP A 529 23.53 -3.91 -13.71
CA ASP A 529 23.82 -5.16 -13.02
C ASP A 529 22.56 -5.73 -12.35
N PHE A 530 21.68 -4.84 -11.91
CA PHE A 530 20.45 -5.26 -11.26
C PHE A 530 19.53 -5.94 -12.25
N TRP A 531 19.40 -5.35 -13.43
CA TRP A 531 18.48 -5.85 -14.44
C TRP A 531 18.98 -7.15 -15.08
N ARG A 532 20.30 -7.28 -15.20
CA ARG A 532 20.88 -8.55 -15.65
C ARG A 532 20.55 -9.61 -14.61
N LEU A 533 20.57 -9.22 -13.35
CA LEU A 533 20.25 -10.11 -12.24
C LEU A 533 18.79 -10.54 -12.30
N VAL A 534 17.89 -9.56 -12.39
CA VAL A 534 16.47 -9.83 -12.54
C VAL A 534 16.21 -10.75 -13.73
N ALA A 535 16.85 -10.45 -14.86
CA ALA A 535 16.64 -11.21 -16.08
C ALA A 535 17.13 -12.64 -15.95
N GLY A 536 18.19 -12.84 -15.18
CA GLY A 536 18.77 -14.15 -15.00
C GLY A 536 17.92 -15.06 -14.14
N ARG A 537 17.16 -14.45 -13.23
CA ARG A 537 16.25 -15.19 -12.36
C ARG A 537 15.03 -15.66 -13.14
N ILE A 538 14.52 -14.79 -14.00
CA ILE A 538 13.38 -15.13 -14.85
C ILE A 538 13.78 -16.20 -15.86
N ALA A 539 14.94 -16.01 -16.48
CA ALA A 539 15.46 -16.99 -17.43
C ALA A 539 15.70 -18.33 -16.74
N ALA A 540 16.26 -18.29 -15.53
CA ALA A 540 16.51 -19.49 -14.76
C ALA A 540 15.22 -20.23 -14.43
N TYR A 541 14.20 -19.50 -14.02
CA TYR A 541 12.91 -20.09 -13.71
C TYR A 541 12.31 -20.75 -14.96
N GLN A 542 12.33 -20.03 -16.08
CA GLN A 542 11.77 -20.53 -17.33
C GLN A 542 12.46 -21.81 -17.78
N GLN A 543 13.79 -21.82 -17.71
CA GLN A 543 14.57 -22.99 -18.09
C GLN A 543 14.20 -24.21 -17.25
N ALA A 544 13.84 -23.97 -15.99
CA ALA A 544 13.52 -25.05 -15.06
C ALA A 544 12.08 -25.52 -15.22
N HIS A 545 11.29 -24.76 -15.97
CA HIS A 545 9.91 -25.13 -16.26
C HIS A 545 9.66 -24.96 -17.75
N PRO A 546 10.33 -25.79 -18.57
CA PRO A 546 10.42 -25.60 -20.02
C PRO A 546 9.09 -25.84 -20.73
N GLN A 547 8.22 -26.64 -20.12
CA GLN A 547 6.99 -27.07 -20.79
C GLN A 547 6.01 -25.94 -21.11
N ARG A 548 6.17 -24.80 -20.44
CA ARG A 548 5.29 -23.68 -20.72
C ARG A 548 5.96 -22.66 -21.62
N LEU A 549 6.84 -23.16 -22.49
CA LEU A 549 7.55 -22.33 -23.45
C LEU A 549 6.54 -21.63 -24.37
N ASP A 550 5.42 -22.30 -24.61
CA ASP A 550 4.35 -21.73 -25.41
C ASP A 550 3.85 -20.43 -24.80
N LYS A 551 3.73 -20.43 -23.48
CA LYS A 551 3.24 -19.27 -22.75
C LYS A 551 4.32 -18.20 -22.61
N TYR A 552 5.56 -18.63 -22.43
CA TYR A 552 6.67 -17.70 -22.33
C TYR A 552 6.79 -16.86 -23.60
N ARG A 553 6.50 -17.49 -24.75
CA ARG A 553 6.54 -16.81 -26.04
C ARG A 553 5.35 -15.90 -26.22
N ARG A 554 4.18 -16.38 -25.82
CA ARG A 554 2.93 -15.65 -26.01
C ARG A 554 2.86 -14.42 -25.11
N TYR A 555 3.35 -14.59 -23.88
CA TYR A 555 3.44 -13.48 -22.95
C TYR A 555 4.92 -13.21 -22.66
N ASP A 556 5.55 -12.51 -23.60
CA ASP A 556 6.99 -12.29 -23.63
C ASP A 556 7.47 -11.27 -22.61
N LEU A 557 8.11 -11.74 -21.54
CA LEU A 557 8.69 -10.87 -20.52
C LEU A 557 9.93 -10.14 -21.02
N PHE A 558 10.51 -10.61 -22.12
CA PHE A 558 11.72 -10.00 -22.67
C PHE A 558 11.42 -9.20 -23.93
N ALA A 559 10.18 -8.73 -24.04
CA ALA A 559 9.78 -7.91 -25.17
C ALA A 559 10.50 -6.58 -25.14
N PRO A 560 10.71 -5.96 -26.31
CA PRO A 560 11.46 -4.71 -26.42
C PRO A 560 10.89 -3.61 -25.52
N ASP A 561 9.59 -3.38 -25.63
CA ASP A 561 8.95 -2.37 -24.80
C ASP A 561 7.77 -2.96 -24.04
N MET A 562 7.18 -2.17 -23.16
CA MET A 562 6.06 -2.62 -22.34
C MET A 562 5.10 -1.46 -22.10
N ILE A 563 3.88 -1.78 -21.69
CA ILE A 563 2.88 -0.76 -21.41
C ILE A 563 3.27 0.11 -20.22
N HIS A 564 3.05 1.41 -20.35
CA HIS A 564 3.43 2.38 -19.32
C HIS A 564 2.21 3.03 -18.69
N SER A 565 1.94 2.69 -17.44
CA SER A 565 0.80 3.23 -16.71
C SER A 565 1.21 4.42 -15.83
N CYS A 566 0.58 5.57 -16.05
CA CYS A 566 0.90 6.77 -15.31
C CYS A 566 0.00 6.96 -14.09
N LEU A 567 0.49 6.50 -12.93
CA LEU A 567 -0.30 6.53 -11.70
C LEU A 567 -0.79 7.94 -11.34
N ASN A 568 0.14 8.90 -11.31
CA ASN A 568 -0.19 10.28 -10.99
C ASN A 568 -1.19 10.89 -11.97
N ARG A 569 -0.99 10.66 -13.26
CA ARG A 569 -1.91 11.14 -14.29
C ARG A 569 -3.31 10.58 -14.07
N LEU A 570 -3.36 9.35 -13.56
CA LEU A 570 -4.64 8.69 -13.34
C LEU A 570 -5.32 9.23 -12.09
N GLN A 571 -4.53 9.49 -11.05
CA GLN A 571 -5.06 10.09 -9.83
C GLN A 571 -5.67 11.46 -10.12
N LEU A 572 -4.90 12.29 -10.81
CA LEU A 572 -5.35 13.65 -11.16
C LEU A 572 -6.63 13.64 -11.98
N ALA A 573 -6.87 12.56 -12.70
CA ALA A 573 -8.05 12.45 -13.54
C ALA A 573 -9.33 12.56 -12.71
N ALA A 591 0.46 6.55 -22.02
CA ALA A 591 1.78 7.04 -22.40
C ALA A 591 2.41 6.16 -23.47
N PRO A 592 3.44 6.68 -24.17
CA PRO A 592 4.20 5.83 -25.08
C PRO A 592 4.76 4.65 -24.30
N ASN A 593 4.82 3.47 -24.90
CA ASN A 593 5.40 2.32 -24.22
C ASN A 593 6.79 2.67 -23.69
N LEU A 594 7.20 2.01 -22.62
CA LEU A 594 8.52 2.22 -22.06
C LEU A 594 9.47 1.12 -22.53
N PRO A 595 10.74 1.49 -22.76
CA PRO A 595 11.71 0.43 -23.05
C PRO A 595 11.77 -0.55 -21.89
N ASN A 596 11.69 -1.84 -22.18
CA ASN A 596 11.77 -2.88 -21.16
C ASN A 596 13.20 -3.07 -20.68
N PRO A 597 13.45 -2.87 -19.38
CA PRO A 597 14.80 -2.88 -18.82
C PRO A 597 15.55 -4.20 -19.03
N ILE A 598 14.83 -5.30 -19.19
CA ILE A 598 15.48 -6.60 -19.35
C ILE A 598 15.39 -7.12 -20.78
N ALA A 599 14.88 -6.28 -21.68
CA ALA A 599 14.71 -6.67 -23.06
C ALA A 599 16.04 -7.01 -23.74
N CYS A 600 17.12 -6.41 -23.24
CA CYS A 600 18.43 -6.62 -23.84
C CYS A 600 19.06 -7.94 -23.42
N PHE A 601 18.47 -8.59 -22.42
CA PHE A 601 18.99 -9.85 -21.92
C PHE A 601 18.19 -11.03 -22.48
#